data_7BGV
#
_entry.id   7BGV
#
_cell.length_a   82.515
_cell.length_b   112.532
_cell.length_c   62.778
_cell.angle_alpha   90.000
_cell.angle_beta   90.000
_cell.angle_gamma   90.000
#
_symmetry.space_group_name_H-M   'C 2 2 21'
#
loop_
_entity.id
_entity.type
_entity.pdbx_description
1 polymer '14-3-3 protein sigma'
2 polymer 'Peptidyl-prolyl cis-trans isomerase NIMA-interacting 1'
3 non-polymer 3-methoxy-4-(2-phenylimidazol-1-yl)benzaldehyde
4 non-polymer 'CALCIUM ION'
5 non-polymer 'CHLORIDE ION'
6 non-polymer 'MAGNESIUM ION'
7 water water
#
loop_
_entity_poly.entity_id
_entity_poly.type
_entity_poly.pdbx_seq_one_letter_code
_entity_poly.pdbx_strand_id
1 'polypeptide(L)'
;GAMGSMERASLIQKAKLAEQAERYEDMAAFMKGAVEKGEELS(CSO)EERNLLSVAYKNVVGGQRAAWRVLSSIEQKSNE
EGSEEKGPEVREYREKVETELQGVCDTVLGLLDSHLIKEAGDAESRVFYLKMKGDYYRYLAEVATGDDKKRIIDSARSAY
QEAMDISKKEMPPTNPIRLGLALNFSVFHYEIANSPEEAISLAKTTFDEAMADLHTLSEDSYKDSTLIMQLLRDNLTLWT
ADNAGEEGGEAPQEPQS
;
A
2 'polypeptide(L)' LVKHSQSRRPS(SEP)WRQEK P
#
loop_
_chem_comp.id
_chem_comp.type
_chem_comp.name
_chem_comp.formula
CA non-polymer 'CALCIUM ION' 'Ca 2'
CL non-polymer 'CHLORIDE ION' 'Cl -1'
MG non-polymer 'MAGNESIUM ION' 'Mg 2'
TLK non-polymer 3-methoxy-4-(2-phenylimidazol-1-yl)benzaldehyde 'C17 H14 N2 O2'
#
# COMPACT_ATOMS: atom_id res chain seq x y z
N GLY A 1 -16.99 16.63 5.48
CA GLY A 1 -15.96 17.38 4.78
C GLY A 1 -15.40 18.59 5.52
N ALA A 2 -14.37 18.36 6.33
CA ALA A 2 -13.66 19.48 6.95
C ALA A 2 -12.91 20.29 5.90
N MET A 3 -12.57 19.69 4.76
CA MET A 3 -11.95 20.40 3.65
C MET A 3 -12.95 20.83 2.60
N GLY A 4 -14.25 20.78 2.89
CA GLY A 4 -15.26 21.03 1.87
C GLY A 4 -15.27 22.45 1.34
N SER A 5 -14.74 23.40 2.09
CA SER A 5 -14.74 24.80 1.69
C SER A 5 -13.49 25.21 0.92
N MET A 6 -12.50 24.33 0.80
CA MET A 6 -11.27 24.67 0.09
C MET A 6 -11.32 24.16 -1.35
N GLU A 7 -10.73 24.93 -2.26
CA GLU A 7 -10.68 24.54 -3.66
C GLU A 7 -9.88 23.25 -3.84
N ARG A 8 -10.29 22.45 -4.82
CA ARG A 8 -9.59 21.20 -5.12
C ARG A 8 -8.13 21.48 -5.46
N ALA A 9 -7.87 22.49 -6.29
CA ALA A 9 -6.49 22.81 -6.65
C ALA A 9 -5.69 23.28 -5.45
N SER A 10 -6.34 23.98 -4.51
CA SER A 10 -5.64 24.41 -3.31
C SER A 10 -5.30 23.24 -2.41
N LEU A 11 -6.20 22.25 -2.33
CA LEU A 11 -5.92 21.06 -1.54
C LEU A 11 -4.72 20.30 -2.11
N ILE A 12 -4.63 20.18 -3.43
CA ILE A 12 -3.51 19.50 -4.06
C ILE A 12 -2.22 20.28 -3.81
N GLN A 13 -2.27 21.61 -3.95
CA GLN A 13 -1.09 22.43 -3.70
C GLN A 13 -0.60 22.30 -2.27
N LYS A 14 -1.53 22.29 -1.31
CA LYS A 14 -1.12 22.18 0.09
C LYS A 14 -0.67 20.77 0.43
N ALA A 15 -1.19 19.76 -0.27
CA ALA A 15 -0.69 18.40 -0.09
C ALA A 15 0.79 18.31 -0.49
N LYS A 16 1.15 18.97 -1.59
CA LYS A 16 2.56 19.00 -2.00
C LYS A 16 3.42 19.77 -1.00
N LEU A 17 2.86 20.85 -0.43
CA LEU A 17 3.59 21.59 0.59
C LEU A 17 3.77 20.76 1.86
N ALA A 18 2.74 20.01 2.25
CA ALA A 18 2.84 19.17 3.44
C ALA A 18 3.88 18.07 3.24
N GLU A 19 4.00 17.55 2.02
CA GLU A 19 5.03 16.55 1.74
C GLU A 19 6.42 17.16 1.91
N GLN A 20 6.62 18.38 1.44
CA GLN A 20 7.92 19.03 1.60
C GLN A 20 8.25 19.31 3.06
N ALA A 21 7.24 19.60 3.87
CA ALA A 21 7.42 19.82 5.30
C ALA A 21 7.37 18.53 6.11
N GLU A 22 7.18 17.39 5.44
CA GLU A 22 7.07 16.09 6.10
C GLU A 22 5.95 16.09 7.14
N ARG A 23 4.83 16.73 6.80
CA ARG A 23 3.63 16.78 7.63
C ARG A 23 2.60 15.87 6.97
N TYR A 24 2.77 14.56 7.17
CA TYR A 24 2.01 13.58 6.42
C TYR A 24 0.57 13.46 6.89
N GLU A 25 0.31 13.74 8.17
CA GLU A 25 -1.08 13.77 8.62
C GLU A 25 -1.85 14.88 7.92
N ASP A 26 -1.26 16.08 7.85
CA ASP A 26 -1.86 17.15 7.07
C ASP A 26 -2.02 16.76 5.61
N MET A 27 -1.00 16.11 5.04
CA MET A 27 -1.05 15.71 3.65
C MET A 27 -2.21 14.76 3.37
N ALA A 28 -2.42 13.78 4.26
CA ALA A 28 -3.52 12.85 4.08
C ALA A 28 -4.87 13.55 4.17
N ALA A 29 -5.01 14.50 5.10
CA ALA A 29 -6.26 15.24 5.23
C ALA A 29 -6.54 16.07 3.99
N PHE A 30 -5.49 16.66 3.40
CA PHE A 30 -5.67 17.41 2.16
C PHE A 30 -6.09 16.51 1.01
N MET A 31 -5.42 15.36 0.87
CA MET A 31 -5.75 14.45 -0.22
C MET A 31 -7.12 13.79 -0.01
N LYS A 32 -7.49 13.52 1.24
CA LYS A 32 -8.84 13.05 1.51
C LYS A 32 -9.88 14.07 1.05
N GLY A 33 -9.64 15.35 1.34
CA GLY A 33 -10.54 16.38 0.87
C GLY A 33 -10.57 16.49 -0.65
N ALA A 34 -9.42 16.30 -1.29
CA ALA A 34 -9.38 16.33 -2.75
C ALA A 34 -10.16 15.19 -3.36
N VAL A 35 -10.03 13.98 -2.80
CA VAL A 35 -10.80 12.84 -3.30
C VAL A 35 -12.29 13.09 -3.14
N GLU A 36 -12.70 13.63 -1.99
CA GLU A 36 -14.11 13.87 -1.73
C GLU A 36 -14.71 14.97 -2.58
N LYS A 37 -13.90 15.66 -3.40
CA LYS A 37 -14.47 16.56 -4.40
C LYS A 37 -15.25 15.79 -5.46
N GLY A 38 -15.04 14.48 -5.58
CA GLY A 38 -15.81 13.65 -6.47
C GLY A 38 -15.22 13.40 -7.83
N GLU A 39 -14.07 13.99 -8.13
CA GLU A 39 -13.44 13.85 -9.44
C GLU A 39 -12.33 12.80 -9.39
N GLU A 40 -12.10 12.16 -10.53
CA GLU A 40 -11.04 11.18 -10.62
C GLU A 40 -9.68 11.85 -10.39
N LEU A 41 -8.71 11.05 -9.97
CA LEU A 41 -7.38 11.54 -9.65
C LEU A 41 -6.43 11.33 -10.81
N SER A 42 -5.57 12.30 -11.06
CA SER A 42 -4.51 12.17 -12.05
C SER A 42 -3.42 11.25 -11.54
N CSO A 43 -2.45 10.93 -12.38
CA CSO A 43 -1.37 10.04 -12.00
CB CSO A 43 -0.44 9.77 -13.19
SG CSO A 43 1.04 8.89 -12.63
C CSO A 43 -0.58 10.64 -10.84
O CSO A 43 -0.27 9.96 -9.86
OD CSO A 43 2.38 10.02 -12.33
N GLU A 44 -0.27 11.94 -10.95
CA GLU A 44 0.45 12.65 -9.90
C GLU A 44 -0.36 12.71 -8.61
N GLU A 45 -1.68 12.91 -8.76
CA GLU A 45 -2.53 13.00 -7.58
C GLU A 45 -2.66 11.65 -6.89
N ARG A 46 -2.68 10.56 -7.66
CA ARG A 46 -2.69 9.23 -7.05
C ARG A 46 -1.42 8.99 -6.25
N ASN A 47 -0.28 9.49 -6.74
CA ASN A 47 0.96 9.36 -6.00
C ASN A 47 0.89 10.11 -4.67
N LEU A 48 0.33 11.32 -4.69
CA LEU A 48 0.19 12.10 -3.45
C LEU A 48 -0.67 11.36 -2.44
N LEU A 49 -1.77 10.76 -2.90
CA LEU A 49 -2.63 9.98 -2.02
C LEU A 49 -1.87 8.81 -1.40
N SER A 50 -1.07 8.11 -2.22
CA SER A 50 -0.31 6.98 -1.71
C SER A 50 0.74 7.44 -0.71
N VAL A 51 1.51 8.47 -1.06
CA VAL A 51 2.59 8.95 -0.18
C VAL A 51 2.03 9.34 1.19
N ALA A 52 0.91 10.08 1.20
CA ALA A 52 0.40 10.62 2.45
C ALA A 52 -0.01 9.51 3.41
N TYR A 53 -0.85 8.58 2.93
CA TYR A 53 -1.39 7.57 3.83
C TYR A 53 -0.38 6.46 4.13
N LYS A 54 0.56 6.19 3.22
CA LYS A 54 1.60 5.21 3.53
C LYS A 54 2.48 5.69 4.68
N ASN A 55 2.84 6.97 4.69
CA ASN A 55 3.67 7.50 5.76
C ASN A 55 2.90 7.52 7.08
N VAL A 56 1.62 7.91 7.04
CA VAL A 56 0.81 7.94 8.26
C VAL A 56 0.67 6.55 8.85
N VAL A 57 0.20 5.60 8.04
CA VAL A 57 0.02 4.24 8.54
C VAL A 57 1.38 3.59 8.81
N GLY A 58 2.43 4.04 8.11
CA GLY A 58 3.76 3.49 8.36
C GLY A 58 4.25 3.77 9.76
N GLY A 59 4.06 5.01 10.24
CA GLY A 59 4.42 5.32 11.61
C GLY A 59 3.55 4.60 12.62
N GLN A 60 2.27 4.39 12.29
CA GLN A 60 1.39 3.64 13.19
C GLN A 60 1.80 2.18 13.27
N ARG A 61 2.16 1.57 12.14
CA ARG A 61 2.60 0.18 12.15
C ARG A 61 3.88 0.02 12.94
N ALA A 62 4.83 0.95 12.78
CA ALA A 62 6.08 0.87 13.52
C ALA A 62 5.85 1.00 15.01
N ALA A 63 4.96 1.92 15.42
CA ALA A 63 4.65 2.06 16.84
C ALA A 63 3.93 0.83 17.37
N TRP A 64 3.01 0.26 16.58
CA TRP A 64 2.30 -0.93 17.01
C TRP A 64 3.25 -2.10 17.24
N ARG A 65 4.24 -2.26 16.38
CA ARG A 65 5.17 -3.37 16.54
C ARG A 65 6.05 -3.19 17.76
N VAL A 66 6.41 -1.94 18.09
CA VAL A 66 7.18 -1.69 19.30
C VAL A 66 6.36 -2.05 20.54
N LEU A 67 5.09 -1.62 20.55
CA LEU A 67 4.24 -1.87 21.72
C LEU A 67 3.88 -3.34 21.83
N SER A 68 3.59 -4.00 20.69
N SER A 68 3.58 -4.01 20.70
CA SER A 68 3.24 -5.42 20.73
CA SER A 68 3.25 -5.41 20.74
C SER A 68 4.42 -6.27 21.20
C SER A 68 4.42 -6.27 21.20
N SER A 69 5.65 -5.86 20.87
CA SER A 69 6.82 -6.59 21.34
C SER A 69 7.00 -6.44 22.84
N ILE A 70 6.74 -5.23 23.36
CA ILE A 70 6.78 -5.03 24.82
C ILE A 70 5.68 -5.85 25.48
N GLU A 71 4.50 -5.92 24.85
CA GLU A 71 3.38 -6.65 25.42
C GLU A 71 3.67 -8.15 25.46
N GLN A 72 4.33 -8.68 24.43
CA GLN A 72 4.63 -10.11 24.40
C GLN A 72 5.60 -10.50 25.51
N LYS A 73 6.60 -9.64 25.77
CA LYS A 73 7.57 -9.94 26.82
C LYS A 73 6.92 -9.91 28.20
N SER A 74 5.93 -9.02 28.39
CA SER A 74 5.27 -8.95 29.68
C SER A 74 4.36 -10.14 29.93
N ASN A 75 3.78 -10.71 28.87
CA ASN A 75 2.87 -11.84 29.01
C ASN A 75 3.53 -13.14 28.59
N GLY A 83 0.51 -4.39 35.06
CA GLY A 83 -0.73 -3.65 34.87
C GLY A 83 -1.29 -3.76 33.46
N PRO A 84 -2.45 -3.16 33.22
CA PRO A 84 -3.04 -3.19 31.87
C PRO A 84 -2.54 -2.11 30.93
N GLU A 85 -1.57 -1.30 31.37
CA GLU A 85 -1.19 -0.11 30.61
C GLU A 85 -0.64 -0.46 29.23
N VAL A 86 0.23 -1.48 29.16
CA VAL A 86 0.83 -1.84 27.88
C VAL A 86 -0.22 -2.32 26.91
N ARG A 87 -1.14 -3.18 27.38
CA ARG A 87 -2.23 -3.65 26.53
C ARG A 87 -3.14 -2.49 26.11
N GLU A 88 -3.48 -1.62 27.06
CA GLU A 88 -4.37 -0.51 26.75
C GLU A 88 -3.78 0.41 25.70
N TYR A 89 -2.49 0.72 25.82
CA TYR A 89 -1.88 1.66 24.87
C TYR A 89 -1.67 1.01 23.51
N ARG A 90 -1.29 -0.26 23.47
CA ARG A 90 -1.23 -0.98 22.20
C ARG A 90 -2.60 -1.01 21.54
N GLU A 91 -3.66 -1.18 22.32
CA GLU A 91 -5.02 -1.15 21.78
C GLU A 91 -5.36 0.23 21.23
N LYS A 92 -4.91 1.29 21.89
CA LYS A 92 -5.20 2.64 21.42
C LYS A 92 -4.56 2.90 20.06
N VAL A 93 -3.27 2.57 19.94
CA VAL A 93 -2.59 2.73 18.65
C VAL A 93 -3.21 1.83 17.60
N GLU A 94 -3.58 0.61 17.99
CA GLU A 94 -4.19 -0.33 17.05
C GLU A 94 -5.52 0.20 16.53
N THR A 95 -6.34 0.78 17.42
CA THR A 95 -7.62 1.35 16.98
C THR A 95 -7.40 2.52 16.03
N GLU A 96 -6.40 3.36 16.31
N GLU A 96 -6.40 3.35 16.33
CA GLU A 96 -6.12 4.48 15.43
CA GLU A 96 -6.09 4.48 15.46
C GLU A 96 -5.61 4.00 14.07
C GLU A 96 -5.60 4.00 14.09
N LEU A 97 -4.80 2.93 14.07
CA LEU A 97 -4.34 2.37 12.81
C LEU A 97 -5.51 1.83 11.98
N GLN A 98 -6.44 1.13 12.64
CA GLN A 98 -7.59 0.59 11.93
C GLN A 98 -8.48 1.70 11.38
N GLY A 99 -8.57 2.82 12.09
CA GLY A 99 -9.36 3.94 11.59
C GLY A 99 -8.79 4.53 10.32
N VAL A 100 -7.46 4.64 10.24
CA VAL A 100 -6.82 5.15 9.03
C VAL A 100 -7.03 4.17 7.87
N CYS A 101 -6.87 2.87 8.12
CA CYS A 101 -7.11 1.88 7.08
C CYS A 101 -8.55 1.92 6.60
N ASP A 102 -9.51 2.02 7.53
CA ASP A 102 -10.91 2.11 7.14
C ASP A 102 -11.19 3.37 6.34
N THR A 103 -10.49 4.47 6.66
CA THR A 103 -10.67 5.72 5.90
C THR A 103 -10.19 5.55 4.47
N VAL A 104 -9.01 4.96 4.27
CA VAL A 104 -8.49 4.74 2.93
C VAL A 104 -9.40 3.81 2.14
N LEU A 105 -9.80 2.70 2.76
CA LEU A 105 -10.69 1.76 2.09
C LEU A 105 -12.03 2.40 1.75
N GLY A 106 -12.51 3.31 2.59
CA GLY A 106 -13.74 4.02 2.28
C GLY A 106 -13.60 4.93 1.08
N LEU A 107 -12.44 5.59 0.94
CA LEU A 107 -12.20 6.43 -0.22
C LEU A 107 -12.14 5.60 -1.49
N LEU A 108 -11.48 4.44 -1.43
CA LEU A 108 -11.40 3.57 -2.61
C LEU A 108 -12.77 3.04 -2.99
N ASP A 109 -13.62 2.76 -2.00
CA ASP A 109 -14.95 2.23 -2.26
C ASP A 109 -15.95 3.32 -2.62
N SER A 110 -15.67 4.58 -2.28
CA SER A 110 -16.60 5.69 -2.50
C SER A 110 -15.81 6.93 -2.96
N HIS A 111 -15.52 7.02 -4.25
CA HIS A 111 -15.90 6.02 -5.25
C HIS A 111 -14.77 5.84 -6.26
N LEU A 112 -13.53 5.76 -5.77
CA LEU A 112 -12.37 5.79 -6.65
C LEU A 112 -12.32 4.57 -7.57
N ILE A 113 -12.59 3.38 -7.02
CA ILE A 113 -12.40 2.16 -7.81
C ILE A 113 -13.45 2.05 -8.90
N LYS A 114 -14.72 2.29 -8.57
CA LYS A 114 -15.77 2.09 -9.55
C LYS A 114 -15.69 3.07 -10.71
N GLU A 115 -15.02 4.21 -10.54
CA GLU A 115 -14.87 5.17 -11.61
C GLU A 115 -13.55 5.04 -12.37
N ALA A 116 -12.67 4.13 -11.94
CA ALA A 116 -11.38 3.93 -12.58
C ALA A 116 -11.52 2.89 -13.68
N GLY A 117 -11.47 3.36 -14.94
CA GLY A 117 -11.59 2.46 -16.07
C GLY A 117 -10.25 2.09 -16.69
N ASP A 118 -9.30 3.01 -16.64
CA ASP A 118 -7.98 2.74 -17.20
C ASP A 118 -7.23 1.74 -16.33
N ALA A 119 -6.38 0.95 -16.99
CA ALA A 119 -5.62 -0.08 -16.27
C ALA A 119 -4.72 0.54 -15.21
N GLU A 120 -4.02 1.62 -15.56
CA GLU A 120 -3.07 2.20 -14.61
C GLU A 120 -3.76 2.73 -13.37
N SER A 121 -4.96 3.30 -13.51
CA SER A 121 -5.67 3.79 -12.34
C SER A 121 -6.32 2.65 -11.56
N ARG A 122 -6.96 1.70 -12.26
CA ARG A 122 -7.68 0.63 -11.57
C ARG A 122 -6.73 -0.30 -10.85
N VAL A 123 -5.60 -0.65 -11.47
CA VAL A 123 -4.62 -1.50 -10.81
C VAL A 123 -4.03 -0.78 -9.60
N PHE A 124 -3.78 0.52 -9.72
CA PHE A 124 -3.25 1.30 -8.61
C PHE A 124 -4.18 1.25 -7.41
N TYR A 125 -5.49 1.45 -7.64
CA TYR A 125 -6.43 1.49 -6.53
C TYR A 125 -6.64 0.10 -5.93
N LEU A 126 -6.65 -0.94 -6.77
CA LEU A 126 -6.83 -2.29 -6.24
C LEU A 126 -5.61 -2.74 -5.45
N LYS A 127 -4.41 -2.34 -5.88
CA LYS A 127 -3.21 -2.59 -5.08
C LYS A 127 -3.29 -1.88 -3.74
N MET A 128 -3.78 -0.64 -3.74
CA MET A 128 -4.00 0.07 -2.47
C MET A 128 -4.98 -0.67 -1.57
N LYS A 129 -6.07 -1.18 -2.16
CA LYS A 129 -7.05 -1.91 -1.38
C LYS A 129 -6.43 -3.15 -0.73
N GLY A 130 -5.64 -3.90 -1.49
CA GLY A 130 -4.94 -5.04 -0.92
C GLY A 130 -3.97 -4.63 0.17
N ASP A 131 -3.26 -3.51 -0.04
CA ASP A 131 -2.27 -3.07 0.94
C ASP A 131 -2.92 -2.75 2.28
N TYR A 132 -4.02 -2.00 2.28
CA TYR A 132 -4.60 -1.56 3.53
C TYR A 132 -5.43 -2.65 4.20
N TYR A 133 -5.94 -3.61 3.44
CA TYR A 133 -6.46 -4.82 4.08
C TYR A 133 -5.33 -5.66 4.67
N ARG A 134 -4.16 -5.65 4.01
CA ARG A 134 -3.00 -6.35 4.59
C ARG A 134 -2.58 -5.71 5.90
N TYR A 135 -2.61 -4.39 5.98
CA TYR A 135 -2.26 -3.72 7.23
C TYR A 135 -3.28 -4.04 8.33
N LEU A 136 -4.55 -4.14 7.95
CA LEU A 136 -5.56 -4.59 8.92
C LEU A 136 -5.29 -6.02 9.36
N ALA A 137 -4.86 -6.87 8.43
CA ALA A 137 -4.61 -8.27 8.76
C ALA A 137 -3.42 -8.43 9.70
N GLU A 138 -2.47 -7.49 9.65
CA GLU A 138 -1.29 -7.58 10.50
C GLU A 138 -1.65 -7.52 11.98
N VAL A 139 -2.76 -6.88 12.33
CA VAL A 139 -3.16 -6.67 13.72
C VAL A 139 -4.41 -7.43 14.09
N ALA A 140 -5.00 -8.18 13.16
CA ALA A 140 -6.25 -8.88 13.44
C ALA A 140 -5.99 -10.14 14.26
N THR A 141 -6.92 -10.42 15.19
CA THR A 141 -6.82 -11.60 16.04
C THR A 141 -8.15 -12.27 16.32
N GLY A 142 -9.28 -11.67 15.95
CA GLY A 142 -10.59 -12.19 16.29
C GLY A 142 -11.18 -13.04 15.20
N ASP A 143 -12.50 -12.98 15.08
CA ASP A 143 -13.27 -13.81 14.16
C ASP A 143 -13.23 -13.31 12.73
N ASP A 144 -12.69 -12.13 12.48
CA ASP A 144 -12.71 -11.51 11.17
C ASP A 144 -11.37 -11.58 10.43
N LYS A 145 -10.37 -12.22 11.02
CA LYS A 145 -9.04 -12.24 10.42
C LYS A 145 -9.05 -12.93 9.05
N LYS A 146 -9.71 -14.10 8.97
CA LYS A 146 -9.72 -14.84 7.72
C LYS A 146 -10.44 -14.06 6.62
N ARG A 147 -11.53 -13.38 6.97
CA ARG A 147 -12.24 -12.57 5.97
C ARG A 147 -11.44 -11.34 5.58
N ILE A 148 -10.69 -10.75 6.53
CA ILE A 148 -9.80 -9.65 6.19
C ILE A 148 -8.69 -10.13 5.27
N ILE A 149 -8.11 -11.30 5.56
CA ILE A 149 -7.05 -11.83 4.72
C ILE A 149 -7.57 -12.12 3.31
N ASP A 150 -8.76 -12.71 3.22
CA ASP A 150 -9.33 -12.99 1.90
C ASP A 150 -9.69 -11.71 1.15
N SER A 151 -10.06 -10.66 1.88
CA SER A 151 -10.32 -9.38 1.22
C SER A 151 -9.06 -8.79 0.61
N ALA A 152 -7.93 -8.89 1.32
CA ALA A 152 -6.67 -8.48 0.74
C ALA A 152 -6.30 -9.34 -0.47
N ARG A 153 -6.45 -10.65 -0.34
N ARG A 153 -6.46 -10.65 -0.34
CA ARG A 153 -6.11 -11.56 -1.44
CA ARG A 153 -6.11 -11.56 -1.44
C ARG A 153 -6.96 -11.27 -2.67
C ARG A 153 -6.96 -11.28 -2.67
N SER A 154 -8.26 -11.01 -2.47
CA SER A 154 -9.14 -10.78 -3.61
C SER A 154 -8.78 -9.49 -4.33
N ALA A 155 -8.46 -8.43 -3.59
CA ALA A 155 -8.08 -7.16 -4.22
C ALA A 155 -6.76 -7.30 -4.98
N TYR A 156 -5.77 -7.96 -4.37
CA TYR A 156 -4.50 -8.20 -5.04
C TYR A 156 -4.70 -9.04 -6.30
N GLN A 157 -5.57 -10.05 -6.23
CA GLN A 157 -5.73 -10.97 -7.35
C GLN A 157 -6.37 -10.28 -8.56
N GLU A 158 -7.39 -9.46 -8.33
CA GLU A 158 -8.00 -8.73 -9.43
C GLU A 158 -7.01 -7.76 -10.05
N ALA A 159 -6.19 -7.11 -9.22
CA ALA A 159 -5.16 -6.21 -9.74
C ALA A 159 -4.14 -6.98 -10.57
N MET A 160 -3.76 -8.18 -10.10
CA MET A 160 -2.81 -9.00 -10.85
C MET A 160 -3.38 -9.40 -12.21
N ASP A 161 -4.65 -9.81 -12.23
CA ASP A 161 -5.26 -10.24 -13.48
C ASP A 161 -5.28 -9.11 -14.50
N ILE A 162 -5.62 -7.89 -14.07
CA ILE A 162 -5.65 -6.76 -14.99
C ILE A 162 -4.24 -6.39 -15.45
N SER A 163 -3.28 -6.38 -14.53
CA SER A 163 -1.93 -5.92 -14.86
C SER A 163 -1.26 -6.87 -15.86
N LYS A 164 -1.48 -8.18 -15.72
CA LYS A 164 -0.90 -9.13 -16.66
C LYS A 164 -1.54 -9.02 -18.03
N LYS A 165 -2.77 -8.51 -18.12
CA LYS A 165 -3.47 -8.37 -19.39
C LYS A 165 -3.15 -7.06 -20.10
N GLU A 166 -2.97 -5.97 -19.33
CA GLU A 166 -2.93 -4.63 -19.90
C GLU A 166 -1.59 -3.92 -19.74
N MET A 167 -0.63 -4.50 -19.03
CA MET A 167 0.61 -3.80 -18.76
C MET A 167 1.81 -4.63 -19.15
N PRO A 168 2.90 -3.99 -19.56
CA PRO A 168 4.15 -4.72 -19.81
C PRO A 168 4.75 -5.22 -18.50
N PRO A 169 5.62 -6.23 -18.55
CA PRO A 169 6.16 -6.79 -17.30
C PRO A 169 7.03 -5.81 -16.52
N THR A 170 7.48 -4.71 -17.13
CA THR A 170 8.34 -3.74 -16.47
C THR A 170 7.57 -2.56 -15.90
N ASN A 171 6.27 -2.53 -16.05
CA ASN A 171 5.49 -1.39 -15.56
C ASN A 171 5.67 -1.26 -14.05
N PRO A 172 6.07 -0.09 -13.55
CA PRO A 172 6.36 0.04 -12.12
C PRO A 172 5.19 -0.32 -11.21
N ILE A 173 3.96 -0.02 -11.62
CA ILE A 173 2.80 -0.39 -10.81
C ILE A 173 2.62 -1.90 -10.79
N ARG A 174 2.78 -2.54 -11.95
CA ARG A 174 2.72 -4.00 -11.99
C ARG A 174 3.82 -4.62 -11.13
N LEU A 175 5.01 -4.02 -11.14
CA LEU A 175 6.12 -4.54 -10.34
C LEU A 175 5.86 -4.35 -8.85
N GLY A 176 5.42 -3.15 -8.46
CA GLY A 176 5.12 -2.91 -7.05
C GLY A 176 3.96 -3.74 -6.55
N LEU A 177 2.97 -3.98 -7.40
CA LEU A 177 1.85 -4.84 -7.04
C LEU A 177 2.33 -6.26 -6.77
N ALA A 178 3.12 -6.83 -7.68
CA ALA A 178 3.62 -8.18 -7.48
C ALA A 178 4.51 -8.26 -6.25
N LEU A 179 5.33 -7.23 -6.01
CA LEU A 179 6.16 -7.20 -4.82
C LEU A 179 5.33 -7.28 -3.55
N ASN A 180 4.26 -6.49 -3.47
CA ASN A 180 3.45 -6.46 -2.26
C ASN A 180 2.58 -7.71 -2.13
N PHE A 181 2.09 -8.24 -3.25
CA PHE A 181 1.36 -9.51 -3.20
C PHE A 181 2.25 -10.63 -2.71
N SER A 182 3.53 -10.62 -3.11
CA SER A 182 4.46 -11.63 -2.62
C SER A 182 4.73 -11.46 -1.14
N VAL A 183 4.79 -10.21 -0.66
CA VAL A 183 4.92 -9.97 0.77
C VAL A 183 3.69 -10.46 1.50
N PHE A 184 2.51 -10.25 0.91
CA PHE A 184 1.28 -10.78 1.49
C PHE A 184 1.35 -12.29 1.63
N HIS A 185 1.80 -12.98 0.57
CA HIS A 185 1.91 -14.43 0.61
C HIS A 185 2.84 -14.89 1.72
N TYR A 186 3.98 -14.20 1.88
CA TYR A 186 4.98 -14.62 2.86
C TYR A 186 4.57 -14.26 4.28
N GLU A 187 4.12 -13.03 4.50
CA GLU A 187 3.92 -12.51 5.84
C GLU A 187 2.53 -12.79 6.39
N ILE A 188 1.50 -12.84 5.54
CA ILE A 188 0.12 -12.90 5.98
C ILE A 188 -0.50 -14.27 5.73
N ALA A 189 -0.30 -14.82 4.52
CA ALA A 189 -1.00 -16.03 4.10
C ALA A 189 -0.26 -17.31 4.44
N ASN A 190 0.92 -17.22 5.05
CA ASN A 190 1.74 -18.39 5.38
C ASN A 190 2.00 -19.25 4.15
N SER A 191 2.31 -18.59 3.03
CA SER A 191 2.60 -19.24 1.76
C SER A 191 3.95 -18.76 1.25
N PRO A 192 5.04 -19.13 1.91
CA PRO A 192 6.36 -18.63 1.47
C PRO A 192 6.77 -19.13 0.10
N GLU A 193 6.36 -20.33 -0.29
CA GLU A 193 6.74 -20.83 -1.61
C GLU A 193 6.00 -20.07 -2.71
N GLU A 194 4.74 -19.71 -2.47
CA GLU A 194 4.04 -18.85 -3.42
C GLU A 194 4.69 -17.47 -3.49
N ALA A 195 5.15 -16.96 -2.34
CA ALA A 195 5.83 -15.67 -2.31
C ALA A 195 7.11 -15.70 -3.13
N ILE A 196 7.91 -16.76 -2.96
CA ILE A 196 9.17 -16.86 -3.68
C ILE A 196 8.94 -17.05 -5.17
N SER A 197 7.95 -17.87 -5.53
CA SER A 197 7.68 -18.13 -6.94
C SER A 197 7.20 -16.86 -7.64
N LEU A 198 6.32 -16.10 -6.98
CA LEU A 198 5.83 -14.87 -7.59
C LEU A 198 6.95 -13.85 -7.75
N ALA A 199 7.79 -13.69 -6.72
CA ALA A 199 8.87 -12.71 -6.79
C ALA A 199 9.88 -13.09 -7.87
N LYS A 200 10.11 -14.38 -8.08
CA LYS A 200 11.12 -14.78 -9.05
C LYS A 200 10.62 -14.63 -10.48
N THR A 201 9.40 -15.10 -10.77
CA THR A 201 8.86 -14.95 -12.12
C THR A 201 8.63 -13.48 -12.47
N THR A 202 8.25 -12.65 -11.50
CA THR A 202 8.12 -11.22 -11.76
C THR A 202 9.47 -10.61 -12.12
N PHE A 203 10.52 -11.01 -11.40
CA PHE A 203 11.86 -10.48 -11.69
C PHE A 203 12.33 -10.90 -13.07
N ASP A 204 12.22 -12.19 -13.39
CA ASP A 204 12.74 -12.70 -14.65
C ASP A 204 12.00 -12.11 -15.85
N GLU A 205 10.67 -12.02 -15.76
CA GLU A 205 9.91 -11.50 -16.90
C GLU A 205 10.14 -10.02 -17.09
N ALA A 206 10.42 -9.28 -16.01
CA ALA A 206 10.81 -7.88 -16.17
C ALA A 206 12.20 -7.76 -16.77
N MET A 207 13.12 -8.64 -16.35
CA MET A 207 14.48 -8.60 -16.90
C MET A 207 14.47 -8.78 -18.41
N ALA A 208 13.61 -9.66 -18.93
CA ALA A 208 13.56 -9.91 -20.37
C ALA A 208 12.90 -8.78 -21.14
N ASP A 209 12.25 -7.84 -20.46
CA ASP A 209 11.58 -6.72 -21.11
C ASP A 209 12.35 -5.42 -20.98
N LEU A 210 13.47 -5.41 -20.26
CA LEU A 210 14.20 -4.17 -20.03
C LEU A 210 14.74 -3.57 -21.32
N HIS A 211 15.00 -4.41 -22.34
CA HIS A 211 15.60 -3.92 -23.57
C HIS A 211 14.69 -2.96 -24.33
N THR A 212 13.40 -2.92 -24.00
CA THR A 212 12.45 -2.05 -24.69
C THR A 212 12.38 -0.64 -24.10
N LEU A 213 13.03 -0.40 -22.96
CA LEU A 213 12.80 0.79 -22.16
C LEU A 213 13.83 1.88 -22.46
N SER A 214 13.41 3.12 -22.21
CA SER A 214 14.32 4.25 -22.23
C SER A 214 15.17 4.25 -20.96
N GLU A 215 16.15 5.16 -20.92
CA GLU A 215 17.05 5.23 -19.78
C GLU A 215 16.28 5.55 -18.49
N ASP A 216 15.27 6.41 -18.58
CA ASP A 216 14.51 6.78 -17.39
C ASP A 216 13.55 5.67 -16.96
N SER A 217 12.88 5.05 -17.92
CA SER A 217 12.00 3.92 -17.58
C SER A 217 12.81 2.74 -17.07
N TYR A 218 14.01 2.53 -17.64
CA TYR A 218 14.91 1.49 -17.14
C TYR A 218 15.21 1.69 -15.66
N LYS A 219 15.46 2.94 -15.25
CA LYS A 219 15.76 3.21 -13.85
C LYS A 219 14.55 2.98 -12.97
N ASP A 220 13.35 3.32 -13.46
CA ASP A 220 12.13 3.09 -12.68
C ASP A 220 11.93 1.60 -12.40
N SER A 221 12.13 0.77 -13.42
CA SER A 221 11.83 -0.66 -13.27
C SER A 221 12.90 -1.36 -12.44
N THR A 222 14.17 -1.09 -12.71
CA THR A 222 15.24 -1.78 -12.00
C THR A 222 15.24 -1.43 -10.51
N LEU A 223 14.72 -0.26 -10.14
CA LEU A 223 14.61 0.10 -8.73
C LEU A 223 13.70 -0.88 -7.99
N ILE A 224 12.54 -1.18 -8.57
CA ILE A 224 11.61 -2.09 -7.94
C ILE A 224 12.08 -3.54 -8.09
N MET A 225 12.76 -3.86 -9.19
CA MET A 225 13.34 -5.19 -9.33
C MET A 225 14.35 -5.49 -8.24
N GLN A 226 15.08 -4.46 -7.78
CA GLN A 226 16.03 -4.66 -6.68
C GLN A 226 15.31 -5.02 -5.38
N LEU A 227 14.12 -4.46 -5.16
CA LEU A 227 13.34 -4.83 -3.99
C LEU A 227 12.92 -6.29 -4.04
N LEU A 228 12.53 -6.77 -5.22
CA LEU A 228 12.23 -8.19 -5.39
C LEU A 228 13.46 -9.03 -5.12
N ARG A 229 14.63 -8.58 -5.60
CA ARG A 229 15.86 -9.33 -5.36
C ARG A 229 16.22 -9.36 -3.89
N ASP A 230 16.00 -8.24 -3.18
CA ASP A 230 16.30 -8.20 -1.75
C ASP A 230 15.47 -9.22 -0.98
N ASN A 231 14.20 -9.37 -1.34
CA ASN A 231 13.34 -10.33 -0.65
C ASN A 231 13.74 -11.76 -0.96
N LEU A 232 14.09 -12.04 -2.22
CA LEU A 232 14.51 -13.39 -2.58
C LEU A 232 15.81 -13.77 -1.87
N THR A 233 16.71 -12.80 -1.69
CA THR A 233 17.93 -13.06 -0.92
C THR A 233 17.59 -13.33 0.54
N LEU A 234 16.58 -12.63 1.08
CA LEU A 234 16.20 -12.85 2.47
C LEU A 234 15.46 -14.16 2.66
N TRP A 235 14.69 -14.60 1.65
CA TRP A 235 13.84 -15.77 1.79
C TRP A 235 14.51 -17.07 1.36
N THR A 236 15.62 -17.00 0.62
CA THR A 236 16.26 -18.22 0.12
C THR A 236 17.74 -18.26 0.52
N ARG B 9 9.91 -7.60 8.28
CA ARG B 9 11.24 -8.03 7.83
C ARG B 9 11.46 -7.86 6.31
N PRO B 10 10.54 -8.34 5.47
CA PRO B 10 10.73 -8.18 4.03
C PRO B 10 10.36 -6.78 3.57
N SER B 11 10.72 -6.48 2.33
CA SER B 11 10.47 -5.16 1.77
C SER B 11 9.21 -5.14 0.90
N SEP B 12 8.23 -4.35 1.31
CA SEP B 12 7.11 -4.01 0.44
CB SEP B 12 5.86 -3.67 1.23
OG SEP B 12 6.10 -2.58 2.11
C SEP B 12 7.57 -2.83 -0.41
O SEP B 12 8.68 -2.33 -0.23
P SEP B 12 4.86 -2.34 3.09
O1P SEP B 12 4.67 -3.63 4.04
O2P SEP B 12 5.16 -1.05 3.99
O3P SEP B 12 3.53 -2.12 2.22
N TRP B 13 6.73 -2.37 -1.33
CA TRP B 13 7.14 -1.26 -2.18
C TRP B 13 7.36 0.00 -1.34
N ARG B 14 8.39 0.76 -1.69
CA ARG B 14 8.68 2.01 -1.01
C ARG B 14 9.24 3.00 -2.03
N GLN B 15 9.10 4.29 -1.71
CA GLN B 15 9.54 5.34 -2.62
C GLN B 15 11.06 5.34 -2.76
N GLU B 16 11.52 5.82 -3.92
CA GLU B 16 12.95 5.91 -4.19
C GLU B 16 13.62 6.92 -3.27
N LYS B 17 14.92 6.74 -3.08
CA LYS B 17 15.70 7.62 -2.23
C LYS B 17 16.57 8.56 -3.07
C01 TLK C . 2.87 0.64 -5.39
C02 TLK C . 3.64 1.61 -6.29
C03 TLK C . 4.38 1.12 -7.36
C04 TLK C . 5.07 2.00 -8.18
C05 TLK C . 5.02 3.37 -7.93
C07 TLK C . 5.24 5.29 -9.50
C08 TLK C . 3.77 5.73 -9.55
C09 TLK C . 2.77 4.83 -9.81
C10 TLK C . 1.45 5.24 -9.85
C11 TLK C . 1.13 6.57 -9.63
C12 TLK C . 2.14 7.49 -9.38
C13 TLK C . 3.46 7.07 -9.34
C15 TLK C . 7.35 5.22 -9.89
C16 TLK C . 7.04 4.22 -9.02
C17 TLK C . 4.27 3.84 -6.87
C19 TLK C . 3.11 5.65 -5.87
C20 TLK C . 3.59 2.96 -6.04
N06 TLK C . 5.75 4.28 -8.80
N14 TLK C . 6.24 5.87 -10.17
O18 TLK C . 4.22 5.22 -6.61
CA CA D . -14.16 24.55 -7.24
CL CL E . -4.10 4.44 26.41
MG MG F . -13.35 6.82 -15.32
#